data_6TPN
#
_entry.id   6TPN
#
_cell.length_a   90.945
_cell.length_b   173.950
_cell.length_c   78.327
_cell.angle_alpha   90.000
_cell.angle_beta   90.000
_cell.angle_gamma   90.000
#
_symmetry.space_group_name_H-M   'C 2 2 21'
#
loop_
_entity.id
_entity.type
_entity.pdbx_description
1 polymer 'Orexin receptor type 2,GlgA glycogen synthase,Orexin receptor type 2'
2 non-polymer 2-(5,6-dimethoxypyridin-3-yl)-1,1-bis(oxidanylidene)-4-[[2,4,6-tris(fluoranyl)phenyl]methyl]pyrido[2,3-e][1,2,4]thiadiazin-3-one
3 non-polymer 'NITRATE ION'
4 non-polymer 'TETRAETHYLENE GLYCOL'
5 non-polymer 'OLEIC ACID'
6 water water
#
_entity_poly.entity_id   1
_entity_poly.type   'polypeptide(L)'
_entity_poly.pdbx_seq_one_letter_code
;QDLDYKDDDDKMSGTKLEDSPPCRDWSSASELDETQEPLLDPTDYDDEEFLRYLWREYLHPKEYAWVLIAGYIIVFVVAL
IGNVLVCVAVWKNHHMRTVTNLFIVNLSLAAVLVTITCLPATLVVDITETWFFGQSLCKVIPYLQTVSVSVSALTLSCIA
LDRWYAICHPLMFKSTAKRALNSIVIIWIVSCIIMIPQAIVMECSTVFPGLADKTTAFTVCDERWGGEIAPKMYHICFFL
VTYAAPLCLMVLLYLQIFRKLWCRQGID(YCM)SFWNESYLTGSRDERKKSLLSKFGMDEGVTFMFIGRFDRGQKGVDVL
LKAIEILSSKKEFQEMRFIIIGKGDPELEGWARSLEEKHGNVKVITEMLSREFVRELYGSVDFVIIPSYFEPFGLVALEA
MCLGAIPIASAVGGLRDIITNETGILVKAGDPGELANAILKALELSRSDLSKFRENCKKRAMSFSKQIRARRKTARMLMV
VVLVFAICYAPISILNVLKRVFGMFAHTEDRETVYAWFAFSHWLVYANSAANPIIYNFLSGKFREEFKAAFSWWWLGVHH
HHHHHHHH
;
_entity_poly.pdbx_strand_id   A
#
# COMPACT_ATOMS: atom_id res chain seq x y z
N THR A 43 49.02 -33.82 21.76
CA THR A 43 49.00 -33.04 20.53
C THR A 43 47.79 -33.40 19.67
N ASP A 44 46.62 -32.92 20.09
CA ASP A 44 45.37 -33.27 19.46
C ASP A 44 45.01 -32.29 18.35
N TYR A 45 44.50 -32.82 17.24
CA TYR A 45 44.15 -32.02 16.07
C TYR A 45 42.65 -31.84 15.91
N ASP A 46 41.86 -32.14 16.94
CA ASP A 46 40.42 -31.89 16.86
C ASP A 46 40.11 -30.39 16.89
N ASP A 47 41.00 -29.59 17.47
CA ASP A 47 40.74 -28.16 17.60
C ASP A 47 40.84 -27.45 16.26
N GLU A 48 41.76 -27.87 15.40
CA GLU A 48 42.05 -27.18 14.14
C GLU A 48 41.24 -27.81 13.01
N GLU A 49 40.25 -27.06 12.52
CA GLU A 49 39.57 -27.39 11.27
C GLU A 49 40.13 -26.62 10.09
N PHE A 50 40.73 -25.45 10.36
CA PHE A 50 41.27 -24.60 9.30
C PHE A 50 42.48 -25.25 8.64
N LEU A 51 43.32 -25.94 9.41
CA LEU A 51 44.48 -26.61 8.83
C LEU A 51 44.07 -27.74 7.91
N ARG A 52 43.00 -28.45 8.25
CA ARG A 52 42.49 -29.48 7.36
C ARG A 52 41.88 -28.87 6.09
N TYR A 53 41.38 -27.63 6.18
CA TYR A 53 40.88 -26.97 4.99
C TYR A 53 42.02 -26.50 4.09
N LEU A 54 43.17 -26.14 4.68
CA LEU A 54 44.35 -25.81 3.90
C LEU A 54 44.90 -27.03 3.16
N TRP A 55 44.80 -28.22 3.78
CA TRP A 55 45.21 -29.47 3.15
C TRP A 55 44.27 -29.90 2.03
N ARG A 56 43.10 -29.28 1.91
CA ARG A 56 42.18 -29.54 0.81
C ARG A 56 41.96 -28.35 -0.11
N GLU A 57 42.49 -27.17 0.24
CA GLU A 57 42.17 -25.93 -0.46
C GLU A 57 42.50 -25.99 -1.94
N TYR A 58 43.47 -26.83 -2.32
CA TYR A 58 43.91 -26.89 -3.71
C TYR A 58 42.87 -27.55 -4.61
N LEU A 59 41.96 -28.35 -4.04
CA LEU A 59 41.06 -29.13 -4.87
C LEU A 59 39.93 -28.28 -5.46
N HIS A 60 39.52 -27.23 -4.75
CA HIS A 60 38.38 -26.41 -5.17
C HIS A 60 38.70 -24.92 -4.97
N PRO A 61 39.60 -24.37 -5.79
CA PRO A 61 39.84 -22.92 -5.75
C PRO A 61 38.73 -22.18 -6.49
N LYS A 62 38.56 -20.91 -6.13
CA LYS A 62 37.50 -20.11 -6.73
C LYS A 62 38.09 -18.81 -7.27
N GLU A 63 38.66 -18.03 -6.36
CA GLU A 63 39.27 -16.73 -6.63
C GLU A 63 38.27 -15.72 -7.18
N TYR A 64 37.00 -16.09 -7.28
CA TYR A 64 35.95 -15.09 -7.18
C TYR A 64 35.60 -14.81 -5.74
N ALA A 65 36.44 -15.30 -4.81
CA ALA A 65 36.22 -15.08 -3.39
C ALA A 65 36.37 -13.61 -3.02
N TRP A 66 37.25 -12.88 -3.71
CA TRP A 66 37.44 -11.48 -3.36
C TRP A 66 36.25 -10.63 -3.79
N VAL A 67 35.60 -10.99 -4.90
CA VAL A 67 34.43 -10.24 -5.33
C VAL A 67 33.24 -10.55 -4.44
N LEU A 68 33.24 -11.72 -3.79
CA LEU A 68 32.20 -12.10 -2.83
C LEU A 68 32.47 -11.53 -1.44
N ILE A 69 33.74 -11.52 -1.02
CA ILE A 69 34.09 -10.92 0.26
C ILE A 69 33.85 -9.42 0.24
N ALA A 70 34.21 -8.76 -0.87
CA ALA A 70 33.94 -7.33 -1.01
C ALA A 70 32.44 -7.05 -1.02
N GLY A 71 31.67 -7.88 -1.73
CA GLY A 71 30.24 -7.69 -1.76
C GLY A 71 29.57 -8.01 -0.43
N TYR A 72 30.19 -8.87 0.37
CA TYR A 72 29.61 -9.21 1.67
C TYR A 72 29.94 -8.16 2.72
N ILE A 73 31.10 -7.51 2.60
CA ILE A 73 31.44 -6.43 3.52
C ILE A 73 30.59 -5.20 3.24
N ILE A 74 30.44 -4.84 1.96
CA ILE A 74 29.61 -3.71 1.57
C ILE A 74 28.20 -3.87 2.10
N VAL A 75 27.61 -5.05 1.89
CA VAL A 75 26.26 -5.32 2.38
C VAL A 75 26.23 -5.30 3.90
N PHE A 76 27.27 -5.85 4.55
CA PHE A 76 27.31 -5.88 6.01
C PHE A 76 27.25 -4.48 6.60
N VAL A 77 28.01 -3.55 6.03
CA VAL A 77 28.04 -2.19 6.58
C VAL A 77 26.73 -1.47 6.31
N VAL A 78 26.22 -1.58 5.08
CA VAL A 78 25.01 -0.85 4.70
C VAL A 78 23.79 -1.40 5.43
N ALA A 79 23.74 -2.72 5.63
CA ALA A 79 22.60 -3.31 6.33
C ALA A 79 22.64 -2.97 7.83
N LEU A 80 23.82 -2.94 8.43
CA LEU A 80 23.91 -2.63 9.86
C LEU A 80 23.66 -1.15 10.12
N ILE A 81 24.29 -0.28 9.33
CA ILE A 81 24.10 1.15 9.49
C ILE A 81 22.67 1.55 9.16
N GLY A 82 22.18 1.10 7.99
CA GLY A 82 20.86 1.50 7.54
C GLY A 82 19.74 1.04 8.48
N ASN A 83 19.76 -0.24 8.86
CA ASN A 83 18.66 -0.79 9.65
C ASN A 83 18.64 -0.22 11.06
N VAL A 84 19.80 0.09 11.65
CA VAL A 84 19.83 0.69 12.97
C VAL A 84 19.32 2.12 12.92
N LEU A 85 19.66 2.85 11.86
CA LEU A 85 19.10 4.19 11.66
C LEU A 85 17.58 4.13 11.57
N VAL A 86 17.02 3.04 11.05
CA VAL A 86 15.57 2.89 10.95
C VAL A 86 14.96 2.82 12.34
N CYS A 87 15.52 2.01 13.22
CA CYS A 87 15.01 1.93 14.59
C CYS A 87 15.18 3.25 15.32
N VAL A 88 16.34 3.89 15.14
CA VAL A 88 16.62 5.14 15.85
C VAL A 88 15.67 6.24 15.40
N ALA A 89 15.44 6.34 14.08
CA ALA A 89 14.59 7.40 13.56
C ALA A 89 13.15 7.29 14.03
N VAL A 90 12.71 6.08 14.37
CA VAL A 90 11.34 5.90 14.84
C VAL A 90 11.25 6.11 16.35
N TRP A 91 12.20 5.58 17.12
CA TRP A 91 12.16 5.76 18.56
C TRP A 91 12.58 7.15 18.99
N LYS A 92 13.15 7.96 18.10
CA LYS A 92 13.45 9.34 18.42
C LYS A 92 12.25 10.24 18.18
N ASN A 93 11.65 10.14 17.01
CA ASN A 93 10.55 11.01 16.63
C ASN A 93 9.22 10.33 16.94
N HIS A 94 8.39 10.98 17.76
CA HIS A 94 7.09 10.43 18.11
C HIS A 94 6.06 10.61 17.00
N HIS A 95 6.31 11.54 16.07
CA HIS A 95 5.45 11.65 14.89
C HIS A 95 5.63 10.46 13.96
N MET A 96 6.71 9.70 14.11
CA MET A 96 7.01 8.56 13.24
C MET A 96 6.40 7.25 13.72
N ARG A 97 5.83 7.21 14.93
CA ARG A 97 5.37 5.96 15.53
C ARG A 97 3.99 5.57 15.00
N THR A 98 3.92 5.36 13.69
CA THR A 98 2.72 4.85 13.05
C THR A 98 2.77 3.33 12.98
N VAL A 99 1.60 2.72 12.77
CA VAL A 99 1.52 1.26 12.68
C VAL A 99 2.38 0.74 11.54
N THR A 100 2.41 1.47 10.42
CA THR A 100 3.23 1.07 9.29
C THR A 100 4.71 1.09 9.65
N ASN A 101 5.13 2.11 10.40
CA ASN A 101 6.55 2.25 10.72
C ASN A 101 6.98 1.34 11.86
N LEU A 102 6.11 1.14 12.86
CA LEU A 102 6.44 0.21 13.94
C LEU A 102 6.68 -1.19 13.40
N PHE A 103 5.91 -1.61 12.39
CA PHE A 103 6.20 -2.85 11.70
C PHE A 103 7.54 -2.78 10.96
N ILE A 104 7.79 -1.65 10.29
CA ILE A 104 9.04 -1.48 9.55
C ILE A 104 10.24 -1.58 10.49
N VAL A 105 10.09 -1.14 11.74
CA VAL A 105 11.15 -1.34 12.72
C VAL A 105 11.33 -2.82 13.02
N ASN A 106 10.23 -3.56 13.21
CA ASN A 106 10.33 -5.01 13.40
C ASN A 106 10.87 -5.70 12.15
N LEU A 107 10.77 -5.05 11.00
CA LEU A 107 11.44 -5.54 9.79
C LEU A 107 12.95 -5.31 9.85
N SER A 108 13.38 -4.22 10.48
CA SER A 108 14.81 -3.95 10.62
C SER A 108 15.43 -4.68 11.80
N LEU A 109 14.62 -4.98 12.83
CA LEU A 109 15.13 -5.77 13.96
C LEU A 109 15.58 -7.16 13.50
N ALA A 110 14.76 -7.81 12.67
CA ALA A 110 15.16 -9.12 12.15
C ALA A 110 16.33 -9.00 11.18
N ALA A 111 16.45 -7.87 10.47
CA ALA A 111 17.54 -7.74 9.51
C ALA A 111 18.87 -7.48 10.21
N VAL A 112 18.84 -6.83 11.38
CA VAL A 112 20.05 -6.66 12.17
C VAL A 112 20.48 -7.99 12.79
N LEU A 113 19.52 -8.86 13.12
CA LEU A 113 19.85 -10.13 13.74
C LEU A 113 20.62 -11.03 12.80
N VAL A 114 20.25 -11.04 11.52
CA VAL A 114 20.94 -11.91 10.57
C VAL A 114 22.24 -11.29 10.11
N THR A 115 22.27 -9.96 9.97
CA THR A 115 23.49 -9.30 9.53
C THR A 115 24.64 -9.57 10.50
N ILE A 116 24.34 -9.72 11.78
CA ILE A 116 25.35 -9.95 12.80
C ILE A 116 25.68 -11.44 12.94
N THR A 117 24.66 -12.28 13.05
CA THR A 117 24.87 -13.69 13.39
C THR A 117 25.05 -14.58 12.16
N CYS A 118 24.20 -14.39 11.14
CA CYS A 118 24.17 -15.33 10.01
C CYS A 118 25.02 -14.90 8.83
N LEU A 119 25.22 -13.59 8.63
CA LEU A 119 25.95 -13.12 7.47
C LEU A 119 27.41 -13.56 7.45
N PRO A 120 28.20 -13.37 8.52
CA PRO A 120 29.59 -13.83 8.46
C PRO A 120 29.73 -15.33 8.29
N ALA A 121 28.82 -16.13 8.86
CA ALA A 121 28.92 -17.58 8.74
C ALA A 121 28.61 -18.06 7.33
N THR A 122 27.77 -17.33 6.59
CA THR A 122 27.49 -17.68 5.21
C THR A 122 28.67 -17.32 4.29
N LEU A 123 29.38 -16.24 4.61
CA LEU A 123 30.55 -15.88 3.82
C LEU A 123 31.62 -16.97 3.89
N VAL A 124 31.82 -17.53 5.08
CA VAL A 124 32.85 -18.56 5.25
C VAL A 124 32.44 -19.86 4.57
N VAL A 125 31.17 -20.24 4.71
CA VAL A 125 30.73 -21.54 4.22
C VAL A 125 30.70 -21.58 2.70
N ASP A 126 30.22 -20.50 2.07
CA ASP A 126 30.10 -20.48 0.61
C ASP A 126 31.46 -20.36 -0.08
N ILE A 127 32.54 -20.16 0.66
CA ILE A 127 33.89 -20.11 0.10
C ILE A 127 34.70 -21.34 0.53
N THR A 128 34.71 -21.64 1.82
CA THR A 128 35.49 -22.77 2.32
C THR A 128 34.76 -24.09 2.18
N GLU A 129 33.42 -24.08 2.12
CA GLU A 129 32.61 -25.29 2.10
C GLU A 129 32.88 -26.16 3.32
N THR A 130 33.08 -25.51 4.46
CA THR A 130 33.39 -26.18 5.71
C THR A 130 32.66 -25.48 6.84
N TRP A 131 32.39 -26.21 7.93
CA TRP A 131 31.75 -25.64 9.10
C TRP A 131 32.76 -25.55 10.23
N PHE A 132 33.09 -24.32 10.64
CA PHE A 132 34.12 -24.09 11.65
C PHE A 132 33.56 -23.74 13.03
N PHE A 133 32.24 -23.79 13.21
CA PHE A 133 31.60 -23.16 14.36
C PHE A 133 30.98 -24.13 15.34
N GLY A 134 31.07 -25.44 15.10
CA GLY A 134 30.66 -26.43 16.09
C GLY A 134 29.21 -26.86 15.94
N GLN A 135 28.89 -27.92 16.67
CA GLN A 135 27.57 -28.54 16.56
C GLN A 135 26.46 -27.61 17.05
N SER A 136 26.71 -26.88 18.14
CA SER A 136 25.68 -26.02 18.71
C SER A 136 25.30 -24.89 17.77
N LEU A 137 26.30 -24.23 17.16
CA LEU A 137 26.01 -23.16 16.22
C LEU A 137 25.52 -23.68 14.87
N CYS A 138 25.67 -24.98 14.60
CA CYS A 138 25.09 -25.57 13.40
C CYS A 138 23.57 -25.67 13.48
N LYS A 139 23.01 -25.68 14.69
CA LYS A 139 21.57 -25.62 14.89
C LYS A 139 21.06 -24.21 15.07
N VAL A 140 21.79 -23.39 15.83
CA VAL A 140 21.30 -22.07 16.21
C VAL A 140 21.31 -21.12 15.02
N ILE A 141 22.43 -21.07 14.30
CA ILE A 141 22.55 -20.11 13.19
C ILE A 141 21.48 -20.34 12.13
N PRO A 142 21.28 -21.54 11.57
CA PRO A 142 20.20 -21.71 10.59
C PRO A 142 18.82 -21.53 11.18
N TYR A 143 18.63 -21.85 12.46
CA TYR A 143 17.37 -21.55 13.12
C TYR A 143 17.13 -20.04 13.18
N LEU A 144 18.21 -19.24 13.29
CA LEU A 144 18.04 -17.80 13.40
C LEU A 144 17.70 -17.16 12.06
N GLN A 145 18.08 -17.83 10.98
CA GLN A 145 17.78 -17.24 9.66
C GLN A 145 16.48 -17.78 9.11
N THR A 146 15.94 -18.85 9.68
CA THR A 146 14.62 -19.30 9.19
C THR A 146 13.57 -18.53 9.97
N VAL A 147 13.85 -18.28 11.25
CA VAL A 147 12.97 -17.43 12.04
C VAL A 147 12.93 -16.03 11.48
N SER A 148 14.09 -15.51 11.05
CA SER A 148 14.15 -14.16 10.50
C SER A 148 13.46 -14.06 9.15
N VAL A 149 13.47 -15.13 8.39
CA VAL A 149 12.76 -15.13 7.07
C VAL A 149 11.26 -15.26 7.31
N SER A 150 10.86 -15.95 8.38
CA SER A 150 9.45 -16.07 8.71
C SER A 150 8.91 -14.76 9.28
N VAL A 151 9.66 -14.13 10.18
CA VAL A 151 9.24 -12.82 10.69
C VAL A 151 9.06 -11.75 9.63
N SER A 152 9.94 -11.75 8.64
CA SER A 152 9.97 -10.79 7.53
C SER A 152 8.79 -10.95 6.57
N ALA A 153 8.34 -12.17 6.38
CA ALA A 153 7.25 -12.46 5.46
C ALA A 153 5.95 -12.10 6.16
N LEU A 154 5.83 -12.45 7.44
CA LEU A 154 4.60 -12.19 8.19
C LEU A 154 4.44 -10.72 8.54
N THR A 155 5.54 -9.99 8.75
CA THR A 155 5.44 -8.56 9.02
C THR A 155 5.06 -7.79 7.77
N LEU A 156 5.61 -8.19 6.61
CA LEU A 156 5.22 -7.56 5.35
C LEU A 156 3.76 -7.83 5.01
N SER A 157 3.25 -9.00 5.41
CA SER A 157 1.84 -9.30 5.16
C SER A 157 0.94 -8.50 6.09
N CYS A 158 1.36 -8.30 7.34
CA CYS A 158 0.56 -7.51 8.28
C CYS A 158 0.53 -6.03 7.89
N ILE A 159 1.58 -5.55 7.22
CA ILE A 159 1.57 -4.17 6.73
C ILE A 159 0.54 -4.02 5.62
N ALA A 160 0.52 -4.97 4.68
CA ALA A 160 -0.50 -4.96 3.64
C ALA A 160 -1.89 -5.14 4.24
N LEU A 161 -2.02 -6.03 5.23
CA LEU A 161 -3.30 -6.26 5.88
C LEU A 161 -3.78 -4.97 6.55
N ASP A 162 -2.93 -4.36 7.37
CA ASP A 162 -3.30 -3.13 8.06
C ASP A 162 -3.67 -2.04 7.07
N ARG A 163 -2.92 -1.92 5.96
CA ARG A 163 -3.22 -0.89 4.98
C ARG A 163 -4.54 -1.13 4.24
N TRP A 164 -4.86 -2.41 3.98
CA TRP A 164 -6.11 -2.73 3.28
C TRP A 164 -7.32 -2.48 4.17
N TYR A 165 -7.22 -2.83 5.46
CA TYR A 165 -8.31 -2.55 6.39
C TYR A 165 -8.51 -1.06 6.64
N ALA A 166 -7.49 -0.25 6.40
CA ALA A 166 -7.61 1.18 6.63
C ALA A 166 -8.03 1.96 5.40
N ILE A 167 -7.67 1.48 4.21
CA ILE A 167 -7.95 2.19 2.98
C ILE A 167 -9.16 1.61 2.24
N CYS A 168 -9.29 0.27 2.21
CA CYS A 168 -10.31 -0.38 1.40
C CYS A 168 -11.52 -0.83 2.21
N HIS A 169 -11.33 -1.32 3.42
CA HIS A 169 -12.46 -1.82 4.20
C HIS A 169 -13.41 -0.67 4.53
N PRO A 170 -14.72 -0.87 4.38
CA PRO A 170 -15.68 0.24 4.54
C PRO A 170 -15.70 0.83 5.94
N LEU A 171 -15.27 0.10 6.96
CA LEU A 171 -15.21 0.66 8.30
C LEU A 171 -13.98 1.53 8.54
N MET A 172 -12.95 1.42 7.68
CA MET A 172 -11.76 2.26 7.78
C MET A 172 -11.13 2.14 9.17
N PHE A 173 -10.67 0.93 9.48
CA PHE A 173 -10.10 0.65 10.79
C PHE A 173 -8.82 1.45 10.99
N LYS A 174 -8.66 1.99 12.20
CA LYS A 174 -7.47 2.75 12.58
C LYS A 174 -6.79 1.99 13.72
N SER A 175 -5.78 1.19 13.38
CA SER A 175 -5.09 0.40 14.38
C SER A 175 -4.27 1.29 15.31
N THR A 176 -3.94 0.75 16.48
CA THR A 176 -3.17 1.46 17.49
C THR A 176 -1.78 0.86 17.59
N ALA A 177 -0.91 1.57 18.32
CA ALA A 177 0.45 1.08 18.53
C ALA A 177 0.47 -0.13 19.45
N LYS A 178 -0.46 -0.20 20.40
CA LYS A 178 -0.57 -1.38 21.25
C LYS A 178 -0.92 -2.61 20.42
N ARG A 179 -1.88 -2.48 19.51
CA ARG A 179 -2.28 -3.61 18.68
C ARG A 179 -1.17 -4.01 17.70
N ALA A 180 -0.32 -3.05 17.30
CA ALA A 180 0.77 -3.37 16.38
C ALA A 180 1.91 -4.10 17.08
N LEU A 181 2.17 -3.77 18.36
CA LEU A 181 3.22 -4.44 19.11
C LEU A 181 2.80 -5.83 19.56
N ASN A 182 1.52 -6.03 19.90
CA ASN A 182 1.06 -7.36 20.25
C ASN A 182 1.05 -8.29 19.05
N SER A 183 0.74 -7.76 17.86
CA SER A 183 0.88 -8.57 16.65
C SER A 183 2.35 -8.85 16.36
N ILE A 184 3.23 -7.92 16.73
CA ILE A 184 4.66 -8.12 16.52
C ILE A 184 5.18 -9.22 17.45
N VAL A 185 4.74 -9.21 18.70
CA VAL A 185 5.12 -10.27 19.63
C VAL A 185 4.66 -11.63 19.10
N ILE A 186 3.43 -11.68 18.59
CA ILE A 186 2.86 -12.94 18.11
C ILE A 186 3.64 -13.46 16.92
N ILE A 187 4.07 -12.55 16.02
CA ILE A 187 4.83 -12.96 14.85
C ILE A 187 6.10 -13.69 15.25
N TRP A 188 6.79 -13.19 16.28
CA TRP A 188 8.01 -13.86 16.73
C TRP A 188 7.70 -15.20 17.39
N ILE A 189 6.60 -15.27 18.13
CA ILE A 189 6.22 -16.53 18.77
C ILE A 189 5.87 -17.57 17.71
N VAL A 190 5.14 -17.17 16.68
CA VAL A 190 4.76 -18.10 15.62
C VAL A 190 6.00 -18.58 14.86
N SER A 191 6.87 -17.64 14.47
CA SER A 191 8.06 -18.00 13.72
C SER A 191 8.96 -18.95 14.52
N CYS A 192 9.12 -18.68 15.82
CA CYS A 192 9.99 -19.53 16.64
C CYS A 192 9.43 -20.93 16.79
N ILE A 193 8.12 -21.09 16.72
CA ILE A 193 7.52 -22.42 16.84
C ILE A 193 7.63 -23.17 15.52
N ILE A 194 7.24 -22.53 14.41
CA ILE A 194 7.15 -23.24 13.14
C ILE A 194 8.52 -23.58 12.57
N MET A 195 9.59 -22.93 13.04
CA MET A 195 10.94 -23.24 12.58
C MET A 195 11.69 -24.13 13.55
N ILE A 196 11.01 -24.64 14.59
CA ILE A 196 11.65 -25.61 15.47
C ILE A 196 12.05 -26.88 14.75
N PRO A 197 11.25 -27.47 13.85
CA PRO A 197 11.73 -28.66 13.14
C PRO A 197 13.01 -28.43 12.36
N GLN A 198 13.31 -27.20 12.00
CA GLN A 198 14.56 -26.97 11.23
C GLN A 198 15.73 -27.16 12.18
N ALA A 199 15.63 -26.65 13.40
CA ALA A 199 16.72 -26.81 14.35
C ALA A 199 16.96 -28.26 14.72
N ILE A 200 15.90 -29.07 14.81
CA ILE A 200 16.06 -30.49 15.09
C ILE A 200 16.78 -31.18 13.94
N VAL A 201 16.58 -30.72 12.70
CA VAL A 201 17.03 -31.46 11.53
C VAL A 201 18.50 -31.20 11.23
N MET A 202 18.97 -29.98 11.46
CA MET A 202 20.36 -29.65 11.20
C MET A 202 21.29 -30.55 12.02
N GLU A 203 22.36 -31.01 11.36
CA GLU A 203 23.31 -31.90 12.01
C GLU A 203 24.70 -31.61 11.47
N CYS A 204 25.68 -31.60 12.38
CA CYS A 204 27.07 -31.32 12.07
C CYS A 204 27.85 -32.64 12.06
N SER A 205 28.35 -33.04 10.91
CA SER A 205 28.99 -34.33 10.75
C SER A 205 30.33 -34.20 10.06
N THR A 206 31.24 -35.10 10.38
CA THR A 206 32.55 -35.21 9.74
C THR A 206 32.43 -36.20 8.58
N VAL A 207 32.86 -35.77 7.39
CA VAL A 207 32.71 -36.56 6.17
C VAL A 207 34.12 -37.00 5.75
N PHE A 208 34.32 -38.31 5.71
CA PHE A 208 35.63 -38.90 5.51
C PHE A 208 36.05 -38.97 4.04
N PRO A 209 35.14 -39.31 3.10
CA PRO A 209 35.63 -39.30 1.72
C PRO A 209 35.87 -37.89 1.18
N LYS A 214 41.41 -35.32 -0.09
CA LYS A 214 41.29 -36.71 -0.50
C LYS A 214 40.92 -37.59 0.68
N THR A 215 41.94 -38.03 1.43
CA THR A 215 41.72 -38.81 2.64
C THR A 215 41.53 -37.94 3.88
N THR A 216 41.83 -36.65 3.79
CA THR A 216 41.67 -35.74 4.92
C THR A 216 40.19 -35.36 5.06
N ALA A 217 39.59 -35.74 6.18
CA ALA A 217 38.17 -35.50 6.39
C ALA A 217 37.94 -34.06 6.83
N PHE A 218 36.69 -33.61 6.67
CA PHE A 218 36.32 -32.26 7.06
C PHE A 218 34.86 -32.24 7.51
N THR A 219 34.53 -31.24 8.33
CA THR A 219 33.25 -31.16 9.01
C THR A 219 32.30 -30.25 8.24
N VAL A 220 31.03 -30.67 8.15
CA VAL A 220 30.01 -29.95 7.41
C VAL A 220 28.71 -29.94 8.17
N CYS A 221 27.92 -28.89 7.95
CA CYS A 221 26.63 -28.70 8.60
C CYS A 221 25.54 -28.68 7.55
N ASP A 222 24.53 -29.53 7.73
CA ASP A 222 23.49 -29.69 6.71
C ASP A 222 22.25 -30.30 7.36
N GLU A 223 21.16 -30.30 6.60
CA GLU A 223 19.93 -30.95 7.03
C GLU A 223 20.10 -32.46 6.96
N ARG A 224 19.64 -33.16 8.00
CA ARG A 224 19.69 -34.61 8.05
C ARG A 224 18.31 -35.13 8.44
N TRP A 225 17.60 -35.70 7.48
CA TRP A 225 16.25 -36.21 7.70
C TRP A 225 16.26 -37.73 7.74
N GLY A 226 15.31 -38.28 8.48
CA GLY A 226 15.04 -39.71 8.40
C GLY A 226 14.03 -39.99 7.31
N GLY A 227 14.46 -40.64 6.24
CA GLY A 227 13.59 -40.90 5.11
C GLY A 227 13.43 -39.71 4.20
N GLU A 228 13.57 -39.93 2.88
CA GLU A 228 13.49 -38.86 1.89
C GLU A 228 12.06 -38.46 1.57
N ILE A 229 11.11 -38.76 2.46
CA ILE A 229 9.73 -38.36 2.28
C ILE A 229 9.41 -37.11 3.09
N ALA A 230 9.96 -36.99 4.29
CA ALA A 230 9.67 -35.80 5.11
C ALA A 230 10.27 -34.51 4.56
N PRO A 231 11.51 -34.47 4.05
CA PRO A 231 12.05 -33.17 3.61
C PRO A 231 11.28 -32.55 2.45
N LYS A 232 10.79 -33.37 1.52
CA LYS A 232 10.01 -32.84 0.40
C LYS A 232 8.69 -32.26 0.88
N MET A 233 8.08 -32.85 1.91
CA MET A 233 6.87 -32.26 2.47
C MET A 233 7.19 -30.94 3.17
N TYR A 234 8.31 -30.89 3.89
CA TYR A 234 8.62 -29.70 4.69
C TYR A 234 9.01 -28.52 3.81
N HIS A 235 9.88 -28.74 2.83
CA HIS A 235 10.34 -27.64 2.00
C HIS A 235 9.27 -27.13 1.05
N ILE A 236 8.19 -27.89 0.84
CA ILE A 236 7.00 -27.32 0.21
C ILE A 236 6.30 -26.38 1.18
N CYS A 237 6.15 -26.80 2.44
CA CYS A 237 5.51 -25.96 3.44
C CYS A 237 6.39 -24.76 3.80
N PHE A 238 7.69 -24.86 3.56
CA PHE A 238 8.59 -23.71 3.84
C PHE A 238 8.41 -22.69 2.71
N PHE A 239 8.38 -23.16 1.47
CA PHE A 239 8.20 -22.27 0.33
C PHE A 239 6.85 -21.56 0.39
N LEU A 240 5.82 -22.24 0.91
CA LEU A 240 4.49 -21.66 0.95
C LEU A 240 4.38 -20.61 2.04
N VAL A 241 4.73 -20.96 3.27
CA VAL A 241 4.53 -20.04 4.40
C VAL A 241 5.46 -18.84 4.30
N THR A 242 6.67 -19.01 3.78
CA THR A 242 7.65 -17.93 3.81
C THR A 242 7.63 -17.07 2.55
N TYR A 243 7.26 -17.63 1.40
CA TYR A 243 7.34 -16.90 0.14
C TYR A 243 6.03 -16.90 -0.62
N ALA A 244 5.53 -18.07 -1.03
CA ALA A 244 4.38 -18.15 -1.93
C ALA A 244 3.13 -17.48 -1.35
N ALA A 245 2.61 -18.04 -0.26
CA ALA A 245 1.36 -17.53 0.31
C ALA A 245 1.42 -16.05 0.69
N PRO A 246 2.49 -15.52 1.32
CA PRO A 246 2.47 -14.07 1.62
C PRO A 246 2.44 -13.20 0.38
N LEU A 247 3.20 -13.57 -0.65
CA LEU A 247 3.28 -12.73 -1.84
C LEU A 247 1.94 -12.67 -2.55
N CYS A 248 1.25 -13.80 -2.69
CA CYS A 248 -0.06 -13.81 -3.32
C CYS A 248 -1.06 -12.98 -2.51
N LEU A 249 -0.97 -13.03 -1.18
CA LEU A 249 -1.84 -12.22 -0.34
C LEU A 249 -1.55 -10.73 -0.53
N MET A 250 -0.27 -10.37 -0.56
CA MET A 250 0.07 -8.95 -0.65
C MET A 250 -0.23 -8.39 -2.03
N VAL A 251 -0.03 -9.17 -3.08
CA VAL A 251 -0.36 -8.71 -4.43
C VAL A 251 -1.85 -8.44 -4.54
N LEU A 252 -2.67 -9.30 -3.94
CA LEU A 252 -4.12 -9.11 -3.98
C LEU A 252 -4.56 -7.92 -3.15
N LEU A 253 -3.88 -7.63 -2.03
CA LEU A 253 -4.26 -6.49 -1.21
C LEU A 253 -3.76 -5.17 -1.80
N TYR A 254 -2.54 -5.15 -2.34
CA TYR A 254 -2.00 -3.92 -2.88
C TYR A 254 -2.60 -3.56 -4.22
N LEU A 255 -3.07 -4.55 -5.00
CA LEU A 255 -3.75 -4.24 -6.25
C LEU A 255 -5.06 -3.51 -5.98
N GLN A 256 -5.77 -3.87 -4.91
CA GLN A 256 -6.97 -3.12 -4.55
C GLN A 256 -6.63 -1.74 -3.99
N ILE A 257 -5.45 -1.61 -3.37
CA ILE A 257 -5.02 -0.31 -2.86
C ILE A 257 -4.59 0.59 -4.01
N PHE A 258 -3.88 0.04 -4.99
CA PHE A 258 -3.49 0.82 -6.16
C PHE A 258 -4.73 1.29 -6.93
N ARG A 259 -5.68 0.39 -7.15
CA ARG A 259 -6.86 0.71 -7.95
C ARG A 259 -7.66 1.83 -7.31
N LYS A 260 -7.72 1.86 -5.98
CA LYS A 260 -8.51 2.89 -5.29
C LYS A 260 -7.80 4.23 -5.30
N LEU A 261 -6.55 4.27 -4.85
CA LEU A 261 -5.86 5.54 -4.66
C LEU A 261 -5.42 6.16 -5.98
N TRP A 262 -4.94 5.34 -6.91
CA TRP A 262 -4.41 5.89 -8.17
C TRP A 262 -5.52 6.19 -9.17
N CYS A 263 -6.45 5.25 -9.35
CA CYS A 263 -7.45 5.32 -10.42
C CYS A 263 -8.79 5.83 -9.93
N ARG A 264 -9.44 5.07 -9.04
CA ARG A 264 -10.81 5.40 -8.63
C ARG A 264 -10.87 6.72 -7.85
N GLN A 265 -9.79 7.09 -7.18
CA GLN A 265 -9.71 8.38 -6.50
C GLN A 265 -8.69 9.31 -7.14
N GLY A 266 -8.38 9.10 -8.42
CA GLY A 266 -7.44 9.94 -9.12
C GLY A 266 -7.74 11.34 -9.57
N ILE A 267 -7.93 12.25 -8.62
CA ILE A 267 -8.41 13.59 -8.89
C ILE A 267 -7.26 14.41 -9.48
N ASP A 268 -7.43 14.86 -10.72
CA ASP A 268 -6.41 15.66 -11.40
C ASP A 268 -6.57 17.13 -11.05
N SER A 270 -4.66 19.57 -11.40
CA SER A 270 -4.08 20.44 -12.41
C SER A 270 -5.15 20.88 -13.41
N PHE A 271 -6.22 20.09 -13.50
CA PHE A 271 -7.35 20.42 -14.37
C PHE A 271 -8.54 20.97 -13.60
N TRP A 272 -8.95 20.30 -12.52
CA TRP A 272 -10.08 20.73 -11.70
C TRP A 272 -9.59 21.83 -10.76
N ASN A 273 -9.49 23.04 -11.33
CA ASN A 273 -8.95 24.18 -10.61
C ASN A 273 -9.83 25.40 -10.87
N GLU A 274 -9.72 26.37 -9.96
CA GLU A 274 -10.57 27.56 -10.04
C GLU A 274 -10.08 28.55 -11.08
N SER A 275 -8.77 28.57 -11.37
CA SER A 275 -8.21 29.62 -12.22
C SER A 275 -8.68 29.53 -13.66
N TYR A 276 -9.15 28.36 -14.11
CA TYR A 276 -9.53 28.20 -15.50
C TYR A 276 -10.83 28.91 -15.86
N LEU A 277 -11.45 29.61 -14.93
CA LEU A 277 -12.72 30.29 -15.16
C LEU A 277 -12.49 31.79 -15.37
N THR A 278 -13.58 32.48 -15.70
CA THR A 278 -13.54 33.91 -15.98
C THR A 278 -14.70 34.60 -15.29
N GLY A 279 -14.41 35.71 -14.61
CA GLY A 279 -15.45 36.52 -14.02
C GLY A 279 -15.85 36.06 -12.62
N SER A 280 -17.05 36.46 -12.23
CA SER A 280 -17.61 36.08 -10.94
C SER A 280 -18.62 34.96 -11.11
N ARG A 281 -18.95 34.29 -9.98
CA ARG A 281 -19.74 33.08 -10.04
C ARG A 281 -21.17 33.35 -10.48
N ASP A 282 -21.74 34.49 -10.09
CA ASP A 282 -23.07 34.85 -10.58
C ASP A 282 -23.03 35.35 -12.01
N GLU A 283 -21.87 35.85 -12.47
CA GLU A 283 -21.75 36.20 -13.87
C GLU A 283 -21.70 34.95 -14.75
N ARG A 284 -21.06 33.88 -14.26
CA ARG A 284 -21.06 32.62 -14.98
C ARG A 284 -22.38 31.87 -14.86
N LYS A 285 -23.09 32.02 -13.74
CA LYS A 285 -24.33 31.26 -13.54
C LYS A 285 -25.43 31.75 -14.47
N LYS A 286 -25.70 33.07 -14.46
CA LYS A 286 -26.78 33.61 -15.27
C LYS A 286 -26.51 33.39 -16.76
N SER A 287 -25.24 33.46 -17.16
CA SER A 287 -24.89 33.12 -18.54
C SER A 287 -25.24 31.67 -18.86
N LEU A 288 -24.98 30.77 -17.92
CA LEU A 288 -25.27 29.35 -18.14
C LEU A 288 -26.77 29.10 -18.24
N LEU A 289 -27.54 29.70 -17.33
CA LEU A 289 -28.99 29.52 -17.34
C LEU A 289 -29.60 30.05 -18.64
N SER A 290 -29.16 31.22 -19.09
CA SER A 290 -29.72 31.80 -20.31
C SER A 290 -29.47 30.92 -21.53
N LYS A 291 -28.46 30.06 -21.49
CA LYS A 291 -28.23 29.14 -22.60
C LYS A 291 -29.34 28.09 -22.67
N PHE A 292 -29.86 27.67 -21.53
CA PHE A 292 -30.96 26.73 -21.47
C PHE A 292 -32.33 27.40 -21.45
N GLY A 293 -32.37 28.72 -21.62
CA GLY A 293 -33.65 29.41 -21.65
C GLY A 293 -34.25 29.64 -20.28
N MET A 294 -33.40 29.87 -19.28
CA MET A 294 -33.85 30.11 -17.91
C MET A 294 -33.28 31.43 -17.41
N ASP A 295 -34.01 32.08 -16.51
CA ASP A 295 -33.56 33.29 -15.86
C ASP A 295 -32.92 32.93 -14.52
N GLU A 296 -32.46 33.95 -13.80
CA GLU A 296 -31.66 33.74 -12.61
C GLU A 296 -32.43 32.98 -11.54
N GLY A 297 -31.71 32.17 -10.77
CA GLY A 297 -32.29 31.30 -9.76
C GLY A 297 -31.28 30.32 -9.19
N VAL A 298 -31.56 29.76 -8.02
CA VAL A 298 -30.62 28.83 -7.37
C VAL A 298 -30.57 27.55 -8.19
N THR A 299 -29.41 27.26 -8.78
CA THR A 299 -29.28 26.19 -9.75
C THR A 299 -28.81 24.89 -9.10
N PHE A 300 -29.49 23.79 -9.41
CA PHE A 300 -29.11 22.47 -8.94
C PHE A 300 -28.70 21.62 -10.12
N MET A 301 -27.64 20.82 -9.93
CA MET A 301 -27.03 20.06 -11.01
C MET A 301 -26.83 18.61 -10.60
N PHE A 302 -27.27 17.69 -11.45
CA PHE A 302 -27.03 16.27 -11.30
C PHE A 302 -26.23 15.78 -12.51
N ILE A 303 -25.17 15.03 -12.26
CA ILE A 303 -24.33 14.49 -13.33
C ILE A 303 -24.01 13.03 -13.00
N GLY A 304 -24.57 12.10 -13.78
CA GLY A 304 -24.36 10.69 -13.53
C GLY A 304 -25.29 9.80 -14.34
N ARG A 305 -24.90 8.55 -14.50
CA ARG A 305 -25.69 7.60 -15.29
C ARG A 305 -27.05 7.39 -14.65
N PHE A 306 -28.04 7.05 -15.47
CA PHE A 306 -29.41 6.82 -14.98
C PHE A 306 -29.51 5.35 -14.59
N ASP A 307 -29.12 5.06 -13.35
CA ASP A 307 -29.05 3.69 -12.85
C ASP A 307 -30.30 3.34 -12.05
N ARG A 308 -30.58 2.03 -11.97
CA ARG A 308 -31.73 1.56 -11.19
C ARG A 308 -31.43 1.55 -9.69
N GLY A 309 -30.21 1.19 -9.29
CA GLY A 309 -29.92 1.08 -7.88
C GLY A 309 -28.83 1.93 -7.27
N GLN A 310 -28.02 2.60 -8.10
CA GLN A 310 -26.69 3.10 -7.76
C GLN A 310 -26.66 4.62 -7.67
N LYS A 311 -26.50 5.31 -8.82
CA LYS A 311 -26.28 6.75 -8.79
C LYS A 311 -27.48 7.51 -8.25
N GLY A 312 -28.69 6.97 -8.45
CA GLY A 312 -29.86 7.48 -7.74
C GLY A 312 -30.57 8.64 -8.41
N VAL A 313 -30.67 8.63 -9.73
CA VAL A 313 -31.45 9.67 -10.40
C VAL A 313 -32.93 9.50 -10.10
N ASP A 314 -33.38 8.27 -9.82
CA ASP A 314 -34.78 8.05 -9.50
C ASP A 314 -35.15 8.72 -8.17
N VAL A 315 -34.20 8.85 -7.26
CA VAL A 315 -34.44 9.59 -6.03
C VAL A 315 -34.60 11.08 -6.34
N LEU A 316 -33.77 11.61 -7.23
CA LEU A 316 -33.88 13.01 -7.60
C LEU A 316 -35.16 13.28 -8.38
N LEU A 317 -35.53 12.38 -9.29
CA LEU A 317 -36.76 12.55 -10.05
C LEU A 317 -37.98 12.53 -9.13
N LYS A 318 -37.97 11.66 -8.12
CA LYS A 318 -39.06 11.64 -7.15
C LYS A 318 -39.10 12.91 -6.33
N ALA A 319 -37.93 13.46 -5.99
CA ALA A 319 -37.88 14.67 -5.17
C ALA A 319 -38.40 15.89 -5.92
N ILE A 320 -38.15 15.95 -7.23
CA ILE A 320 -38.62 17.08 -8.03
C ILE A 320 -40.15 17.10 -8.09
N GLU A 321 -40.78 15.92 -8.12
CA GLU A 321 -42.24 15.87 -8.14
C GLU A 321 -42.82 16.27 -6.79
N ILE A 322 -42.14 15.91 -5.69
CA ILE A 322 -42.51 16.41 -4.38
C ILE A 322 -42.45 17.92 -4.36
N LEU A 323 -41.32 18.50 -4.80
CA LEU A 323 -41.13 19.93 -4.72
C LEU A 323 -42.03 20.70 -5.68
N SER A 324 -42.38 20.07 -6.81
CA SER A 324 -43.16 20.71 -7.88
C SER A 324 -44.53 21.18 -7.40
N SER A 325 -45.00 20.64 -6.28
CA SER A 325 -46.28 21.01 -5.70
C SER A 325 -46.18 22.21 -4.78
N LYS A 326 -45.05 22.93 -4.79
CA LYS A 326 -44.82 24.06 -3.90
C LYS A 326 -44.49 25.31 -4.72
N LYS A 327 -44.74 26.46 -4.11
CA LYS A 327 -44.40 27.74 -4.75
C LYS A 327 -42.90 27.98 -4.75
N GLU A 328 -42.16 27.35 -3.84
CA GLU A 328 -40.70 27.46 -3.84
C GLU A 328 -40.07 26.75 -5.03
N PHE A 329 -40.83 25.99 -5.80
CA PHE A 329 -40.27 25.27 -6.93
C PHE A 329 -39.84 26.23 -8.03
N GLN A 330 -40.62 27.29 -8.27
CA GLN A 330 -40.30 28.25 -9.31
C GLN A 330 -39.11 29.14 -8.97
N GLU A 331 -38.55 29.01 -7.77
CA GLU A 331 -37.29 29.67 -7.44
C GLU A 331 -36.08 28.84 -7.80
N MET A 332 -36.27 27.54 -8.05
CA MET A 332 -35.18 26.61 -8.28
C MET A 332 -35.00 26.32 -9.77
N ARG A 333 -33.79 25.88 -10.12
CA ARG A 333 -33.45 25.45 -11.46
C ARG A 333 -32.69 24.13 -11.35
N PHE A 334 -32.99 23.21 -12.27
CA PHE A 334 -32.42 21.87 -12.21
C PHE A 334 -31.78 21.49 -13.53
N ILE A 335 -30.53 21.03 -13.46
CA ILE A 335 -29.79 20.52 -14.60
C ILE A 335 -29.52 19.04 -14.33
N ILE A 336 -30.15 18.16 -15.09
CA ILE A 336 -30.01 16.73 -14.94
C ILE A 336 -29.22 16.21 -16.14
N ILE A 337 -27.98 15.79 -15.90
CA ILE A 337 -27.06 15.36 -16.94
C ILE A 337 -26.83 13.86 -16.80
N GLY A 338 -27.21 13.10 -17.83
CA GLY A 338 -26.97 11.68 -17.78
C GLY A 338 -27.67 10.95 -18.90
N LYS A 339 -27.39 9.64 -18.96
CA LYS A 339 -27.94 8.74 -19.96
C LYS A 339 -28.25 7.47 -19.19
N GLY A 340 -28.92 6.53 -19.84
CA GLY A 340 -28.97 5.17 -19.37
C GLY A 340 -30.32 4.48 -19.48
N ASP A 341 -30.92 4.17 -18.33
CA ASP A 341 -32.18 3.44 -18.30
C ASP A 341 -33.23 4.18 -19.13
N PRO A 342 -33.89 3.51 -20.08
CA PRO A 342 -34.85 4.22 -20.92
C PRO A 342 -36.06 4.74 -20.16
N GLU A 343 -36.50 4.03 -19.11
CA GLU A 343 -37.64 4.50 -18.33
C GLU A 343 -37.34 5.83 -17.65
N LEU A 344 -36.23 5.87 -16.90
CA LEU A 344 -35.86 7.10 -16.19
C LEU A 344 -35.61 8.24 -17.16
N GLU A 345 -35.07 7.95 -18.34
CA GLU A 345 -34.95 8.96 -19.38
C GLU A 345 -36.33 9.56 -19.70
N GLY A 346 -37.31 8.70 -19.96
CA GLY A 346 -38.65 9.19 -20.28
C GLY A 346 -39.26 9.97 -19.13
N TRP A 347 -38.96 9.57 -17.90
CA TRP A 347 -39.43 10.32 -16.74
C TRP A 347 -38.77 11.69 -16.67
N ALA A 348 -37.48 11.76 -17.01
CA ALA A 348 -36.77 13.04 -16.96
C ALA A 348 -37.22 13.97 -18.08
N ARG A 349 -37.43 13.43 -19.28
CA ARG A 349 -37.96 14.25 -20.38
C ARG A 349 -39.41 14.64 -20.15
N SER A 350 -40.14 13.87 -19.33
CA SER A 350 -41.52 14.22 -19.00
C SER A 350 -41.57 15.39 -18.03
N LEU A 351 -40.65 15.43 -17.07
CA LEU A 351 -40.56 16.59 -16.19
C LEU A 351 -39.97 17.79 -16.91
N GLU A 352 -39.11 17.55 -17.92
CA GLU A 352 -38.54 18.65 -18.70
C GLU A 352 -39.62 19.35 -19.53
N GLU A 353 -40.54 18.59 -20.13
CA GLU A 353 -41.61 19.21 -20.90
C GLU A 353 -42.57 19.98 -20.01
N LYS A 354 -42.84 19.46 -18.81
CA LYS A 354 -43.85 20.08 -17.96
C LYS A 354 -43.34 21.38 -17.36
N HIS A 355 -42.15 21.36 -16.78
CA HIS A 355 -41.61 22.51 -16.07
C HIS A 355 -40.54 23.21 -16.92
N GLY A 356 -40.58 24.53 -16.91
CA GLY A 356 -39.60 25.34 -17.61
C GLY A 356 -38.28 25.53 -16.89
N ASN A 357 -38.16 25.06 -15.65
CA ASN A 357 -36.93 25.16 -14.89
C ASN A 357 -36.22 23.82 -14.76
N VAL A 358 -36.59 22.83 -15.57
CA VAL A 358 -35.92 21.54 -15.64
C VAL A 358 -35.28 21.42 -17.02
N LYS A 359 -34.00 21.03 -17.04
CA LYS A 359 -33.27 20.82 -18.28
C LYS A 359 -32.53 19.49 -18.16
N VAL A 360 -32.67 18.64 -19.18
CA VAL A 360 -32.04 17.33 -19.20
C VAL A 360 -31.07 17.27 -20.37
N ILE A 361 -29.84 16.86 -20.09
CA ILE A 361 -28.79 16.74 -21.09
C ILE A 361 -28.39 15.28 -21.17
N THR A 362 -28.56 14.68 -22.35
CA THR A 362 -28.24 13.27 -22.56
C THR A 362 -27.01 13.05 -23.42
N GLU A 363 -26.51 14.08 -24.09
CA GLU A 363 -25.35 13.92 -24.96
C GLU A 363 -24.07 13.84 -24.13
N MET A 364 -23.00 13.38 -24.78
CA MET A 364 -21.70 13.25 -24.13
C MET A 364 -21.09 14.63 -23.93
N LEU A 365 -20.66 14.92 -22.70
CA LEU A 365 -20.16 16.24 -22.35
C LEU A 365 -18.64 16.24 -22.28
N SER A 366 -18.04 17.34 -22.72
CA SER A 366 -16.59 17.47 -22.69
C SER A 366 -16.10 17.73 -21.27
N ARG A 367 -14.85 17.37 -21.01
CA ARG A 367 -14.25 17.57 -19.70
C ARG A 367 -14.32 19.04 -19.29
N GLU A 368 -13.98 19.95 -20.22
CA GLU A 368 -14.02 21.37 -19.91
C GLU A 368 -15.44 21.87 -19.71
N PHE A 369 -16.42 21.22 -20.33
CA PHE A 369 -17.81 21.65 -20.19
C PHE A 369 -18.33 21.39 -18.78
N VAL A 370 -18.07 20.19 -18.25
CA VAL A 370 -18.43 19.89 -16.87
C VAL A 370 -17.69 20.81 -15.91
N ARG A 371 -16.46 21.20 -16.26
CA ARG A 371 -15.75 22.18 -15.45
C ARG A 371 -16.47 23.51 -15.43
N GLU A 372 -17.03 23.92 -16.58
CA GLU A 372 -17.77 25.17 -16.65
C GLU A 372 -19.04 25.11 -15.80
N LEU A 373 -19.67 23.93 -15.74
CA LEU A 373 -20.89 23.78 -14.94
C LEU A 373 -20.57 23.85 -13.45
N TYR A 374 -19.54 23.11 -13.02
CA TYR A 374 -19.17 23.11 -11.61
C TYR A 374 -18.87 24.52 -11.11
N GLY A 375 -18.24 25.34 -11.93
CA GLY A 375 -17.93 26.70 -11.55
C GLY A 375 -19.02 27.68 -11.90
N SER A 376 -20.27 27.21 -11.94
CA SER A 376 -21.40 28.07 -12.25
C SER A 376 -22.60 27.74 -11.36
N VAL A 377 -23.01 26.47 -11.35
CA VAL A 377 -24.20 26.09 -10.59
C VAL A 377 -23.97 26.31 -9.10
N ASP A 378 -25.08 26.40 -8.36
CA ASP A 378 -25.03 26.64 -6.92
C ASP A 378 -24.87 25.36 -6.12
N PHE A 379 -25.59 24.29 -6.48
CA PHE A 379 -25.53 23.05 -5.74
C PHE A 379 -25.47 21.88 -6.71
N VAL A 380 -24.72 20.85 -6.33
CA VAL A 380 -24.64 19.61 -7.07
C VAL A 380 -25.25 18.50 -6.21
N ILE A 381 -26.14 17.72 -6.81
CA ILE A 381 -26.89 16.69 -6.09
C ILE A 381 -26.33 15.32 -6.47
N ILE A 382 -25.94 14.56 -5.46
CA ILE A 382 -25.42 13.19 -5.65
C ILE A 382 -26.22 12.24 -4.78
N PRO A 383 -27.42 11.81 -5.21
CA PRO A 383 -28.27 10.92 -4.41
C PRO A 383 -27.95 9.44 -4.62
N SER A 384 -26.69 9.08 -4.40
CA SER A 384 -26.20 7.73 -4.67
C SER A 384 -26.63 6.75 -3.59
N TYR A 385 -26.97 5.53 -4.01
CA TYR A 385 -27.16 4.46 -3.06
C TYR A 385 -25.83 3.85 -2.63
N PHE A 386 -24.85 3.88 -3.53
CA PHE A 386 -23.55 3.23 -3.30
C PHE A 386 -22.47 4.05 -4.00
N GLU A 387 -21.58 4.62 -3.19
CA GLU A 387 -20.47 5.43 -3.68
C GLU A 387 -19.31 5.29 -2.70
N PRO A 388 -18.32 4.46 -3.01
CA PRO A 388 -17.17 4.26 -2.12
C PRO A 388 -15.97 5.16 -2.39
N PHE A 389 -16.08 6.12 -3.26
CA PHE A 389 -14.94 6.99 -3.52
C PHE A 389 -15.28 8.47 -3.54
N GLY A 390 -16.43 8.84 -4.08
CA GLY A 390 -16.85 10.24 -4.08
C GLY A 390 -16.01 11.14 -4.95
N LEU A 391 -15.64 10.71 -6.15
CA LEU A 391 -14.82 11.55 -7.02
C LEU A 391 -15.60 12.75 -7.52
N VAL A 392 -16.92 12.62 -7.69
CA VAL A 392 -17.74 13.75 -8.15
C VAL A 392 -17.75 14.87 -7.12
N ALA A 393 -17.78 14.51 -5.84
CA ALA A 393 -17.80 15.52 -4.79
C ALA A 393 -16.50 16.32 -4.77
N LEU A 394 -15.36 15.63 -4.88
CA LEU A 394 -14.07 16.32 -4.92
C LEU A 394 -13.99 17.23 -6.14
N GLU A 395 -14.50 16.78 -7.28
CA GLU A 395 -14.42 17.58 -8.50
C GLU A 395 -15.29 18.82 -8.40
N ALA A 396 -16.47 18.71 -7.78
CA ALA A 396 -17.39 19.85 -7.71
C ALA A 396 -16.98 20.83 -6.60
N MET A 397 -16.58 20.31 -5.44
CA MET A 397 -16.18 21.17 -4.33
C MET A 397 -14.92 21.98 -4.67
N CYS A 398 -14.01 21.40 -5.45
CA CYS A 398 -12.81 22.13 -5.84
C CYS A 398 -13.13 23.37 -6.68
N LEU A 399 -14.30 23.40 -7.32
CA LEU A 399 -14.68 24.54 -8.15
C LEU A 399 -15.80 25.38 -7.55
N GLY A 400 -16.20 25.10 -6.31
CA GLY A 400 -17.11 25.95 -5.57
C GLY A 400 -18.49 25.36 -5.33
N ALA A 401 -18.88 24.35 -6.11
CA ALA A 401 -20.23 23.80 -5.97
C ALA A 401 -20.41 23.19 -4.59
N ILE A 402 -21.59 23.43 -4.01
CA ILE A 402 -21.93 22.93 -2.68
C ILE A 402 -22.75 21.65 -2.86
N PRO A 403 -22.28 20.50 -2.39
CA PRO A 403 -22.97 19.24 -2.69
C PRO A 403 -24.05 18.88 -1.68
N ILE A 404 -25.17 18.42 -2.24
CA ILE A 404 -26.25 17.79 -1.48
C ILE A 404 -26.20 16.30 -1.84
N ALA A 405 -25.56 15.51 -0.99
CA ALA A 405 -25.24 14.13 -1.32
C ALA A 405 -25.76 13.18 -0.25
N SER A 406 -25.86 11.91 -0.62
CA SER A 406 -26.23 10.87 0.33
C SER A 406 -25.10 10.63 1.32
N ALA A 407 -25.47 10.22 2.53
CA ALA A 407 -24.49 9.94 3.58
C ALA A 407 -23.94 8.52 3.45
N VAL A 408 -23.31 8.27 2.30
CA VAL A 408 -22.70 6.98 2.02
C VAL A 408 -21.19 7.14 1.96
N GLY A 409 -20.48 6.01 1.95
CA GLY A 409 -19.09 5.97 2.35
C GLY A 409 -18.21 7.01 1.69
N GLY A 410 -18.17 7.02 0.35
CA GLY A 410 -17.31 7.96 -0.34
C GLY A 410 -17.67 9.40 -0.09
N LEU A 411 -18.97 9.71 -0.08
CA LEU A 411 -19.43 11.08 0.13
C LEU A 411 -19.47 11.47 1.60
N ARG A 412 -19.77 10.51 2.50
CA ARG A 412 -19.78 10.84 3.92
C ARG A 412 -18.40 11.22 4.43
N ASP A 413 -17.36 10.63 3.85
CA ASP A 413 -16.00 10.99 4.24
C ASP A 413 -15.66 12.41 3.81
N ILE A 414 -16.06 12.79 2.61
CA ILE A 414 -15.62 14.07 2.03
C ILE A 414 -16.46 15.22 2.56
N ILE A 415 -17.79 15.06 2.56
CA ILE A 415 -18.68 16.15 2.91
C ILE A 415 -18.83 16.20 4.43
N THR A 416 -18.60 17.37 5.01
CA THR A 416 -18.67 17.60 6.45
C THR A 416 -19.91 18.43 6.78
N ASN A 417 -19.97 18.91 8.03
CA ASN A 417 -21.11 19.69 8.48
C ASN A 417 -21.07 21.13 8.00
N GLU A 418 -19.89 21.64 7.66
CA GLU A 418 -19.75 23.01 7.16
C GLU A 418 -19.47 23.08 5.66
N THR A 419 -19.43 21.94 4.97
CA THR A 419 -19.15 21.90 3.54
C THR A 419 -20.15 21.01 2.81
N GLY A 420 -21.44 21.26 3.01
CA GLY A 420 -22.47 20.59 2.26
C GLY A 420 -23.53 19.99 3.16
N ILE A 421 -24.53 19.39 2.50
CA ILE A 421 -25.70 18.83 3.17
C ILE A 421 -25.77 17.34 2.86
N LEU A 422 -25.92 16.53 3.90
CA LEU A 422 -26.02 15.08 3.77
C LEU A 422 -27.44 14.62 4.11
N VAL A 423 -27.88 13.58 3.41
CA VAL A 423 -29.21 13.00 3.58
C VAL A 423 -29.11 11.49 3.53
N LYS A 424 -30.24 10.83 3.75
CA LYS A 424 -30.33 9.38 3.60
C LYS A 424 -30.35 9.02 2.12
N ALA A 425 -29.69 7.91 1.78
CA ALA A 425 -29.46 7.58 0.37
C ALA A 425 -30.77 7.27 -0.37
N GLY A 426 -31.65 6.48 0.22
CA GLY A 426 -32.83 6.10 -0.53
C GLY A 426 -34.07 6.92 -0.29
N ASP A 427 -33.96 8.05 0.40
CA ASP A 427 -35.12 8.81 0.83
C ASP A 427 -35.34 10.00 -0.08
N PRO A 428 -36.42 10.03 -0.88
CA PRO A 428 -36.66 11.19 -1.76
C PRO A 428 -37.21 12.37 -0.99
N GLY A 429 -37.91 12.07 0.11
CA GLY A 429 -38.47 13.13 0.95
C GLY A 429 -37.41 13.87 1.74
N GLU A 430 -36.35 13.16 2.16
CA GLU A 430 -35.25 13.82 2.86
C GLU A 430 -34.39 14.61 1.90
N LEU A 431 -34.37 14.22 0.62
CA LEU A 431 -33.67 15.01 -0.40
C LEU A 431 -34.48 16.24 -0.77
N ALA A 432 -35.81 16.13 -0.77
CA ALA A 432 -36.66 17.30 -1.04
C ALA A 432 -36.53 18.33 0.07
N ASN A 433 -36.44 17.89 1.32
CA ASN A 433 -36.22 18.83 2.42
C ASN A 433 -34.86 19.52 2.30
N ALA A 434 -33.83 18.76 1.91
CA ALA A 434 -32.49 19.34 1.79
C ALA A 434 -32.42 20.35 0.65
N ILE A 435 -33.19 20.15 -0.41
CA ILE A 435 -33.23 21.13 -1.50
C ILE A 435 -34.00 22.36 -1.07
N LEU A 436 -34.91 22.23 -0.11
CA LEU A 436 -35.57 23.40 0.46
C LEU A 436 -34.63 24.16 1.37
N LYS A 437 -33.79 23.46 2.13
CA LYS A 437 -32.83 24.13 2.99
C LYS A 437 -31.74 24.85 2.19
N ALA A 438 -31.35 24.27 1.05
CA ALA A 438 -30.35 24.93 0.21
C ALA A 438 -30.89 26.22 -0.39
N LEU A 439 -32.19 26.28 -0.65
CA LEU A 439 -32.80 27.52 -1.13
C LEU A 439 -32.82 28.59 -0.04
N GLU A 440 -33.23 28.20 1.17
CA GLU A 440 -33.26 29.14 2.29
C GLU A 440 -31.88 29.70 2.58
N LEU A 441 -30.84 28.87 2.47
CA LEU A 441 -29.48 29.33 2.70
C LEU A 441 -28.97 30.19 1.55
N SER A 442 -29.51 29.99 0.34
CA SER A 442 -29.03 30.73 -0.82
C SER A 442 -29.54 32.16 -0.87
N ARG A 443 -30.43 32.55 0.05
CA ARG A 443 -30.85 33.95 0.10
C ARG A 443 -29.78 34.84 0.70
N SER A 444 -28.83 34.25 1.43
CA SER A 444 -27.67 34.96 1.92
C SER A 444 -26.47 34.66 1.02
N ASP A 445 -25.33 35.24 1.38
CA ASP A 445 -24.09 35.03 0.57
C ASP A 445 -23.53 33.65 0.90
N LEU A 446 -23.50 32.78 -0.11
CA LEU A 446 -22.95 31.45 0.02
C LEU A 446 -21.43 31.41 -0.11
N SER A 447 -20.79 32.57 -0.32
CA SER A 447 -19.35 32.58 -0.62
C SER A 447 -18.52 31.97 0.50
N LYS A 448 -18.99 32.05 1.75
CA LYS A 448 -18.24 31.45 2.84
C LYS A 448 -18.23 29.93 2.74
N PHE A 449 -19.35 29.34 2.32
CA PHE A 449 -19.43 27.89 2.17
C PHE A 449 -18.60 27.42 0.97
N ARG A 450 -18.58 28.20 -0.09
CA ARG A 450 -17.79 27.82 -1.29
C ARG A 450 -16.32 27.72 -0.91
N GLU A 451 -15.81 28.68 -0.14
CA GLU A 451 -14.41 28.65 0.28
C GLU A 451 -14.13 27.47 1.19
N ASN A 452 -15.10 27.08 2.02
CA ASN A 452 -14.95 25.88 2.83
C ASN A 452 -14.90 24.63 1.96
N CYS A 453 -15.72 24.59 0.90
CA CYS A 453 -15.74 23.42 0.01
C CYS A 453 -14.41 23.27 -0.70
N LYS A 454 -13.87 24.37 -1.23
CA LYS A 454 -12.57 24.30 -1.89
C LYS A 454 -11.49 23.85 -0.92
N LYS A 455 -11.55 24.33 0.32
CA LYS A 455 -10.51 23.96 1.28
C LYS A 455 -10.66 22.53 1.77
N ARG A 456 -11.88 22.00 1.76
CA ARG A 456 -12.09 20.63 2.21
C ARG A 456 -11.73 19.61 1.13
N ALA A 457 -12.05 19.92 -0.14
CA ALA A 457 -11.67 19.02 -1.22
C ALA A 457 -10.16 19.00 -1.44
N MET A 458 -9.50 20.16 -1.29
CA MET A 458 -8.04 20.19 -1.39
C MET A 458 -7.41 19.47 -0.22
N SER A 459 -7.92 19.69 0.99
CA SER A 459 -7.41 18.98 2.16
C SER A 459 -7.60 17.48 2.03
N PHE A 460 -8.69 17.04 1.38
CA PHE A 460 -8.92 15.62 1.18
C PHE A 460 -8.04 15.07 0.07
N SER A 461 -7.71 15.89 -0.93
CA SER A 461 -6.79 15.44 -1.97
C SER A 461 -5.38 15.28 -1.41
N LYS A 462 -5.00 16.13 -0.46
CA LYS A 462 -3.69 15.99 0.18
C LYS A 462 -3.59 14.66 0.92
N GLN A 463 -4.68 14.23 1.57
CA GLN A 463 -4.68 12.95 2.26
C GLN A 463 -4.47 11.80 1.28
N ILE A 464 -5.20 11.82 0.17
CA ILE A 464 -5.06 10.79 -0.86
C ILE A 464 -3.62 10.78 -1.38
N ARG A 465 -3.06 11.96 -1.64
CA ARG A 465 -1.71 12.03 -2.16
C ARG A 465 -0.68 11.57 -1.11
N ALA A 466 -0.98 11.77 0.18
CA ALA A 466 -0.09 11.27 1.22
C ALA A 466 -0.19 9.76 1.37
N ARG A 467 -1.42 9.23 1.40
CA ARG A 467 -1.61 7.78 1.43
C ARG A 467 -1.01 7.12 0.19
N ARG A 468 -0.99 7.83 -0.94
CA ARG A 468 -0.48 7.24 -2.17
C ARG A 468 1.02 7.01 -2.08
N LYS A 469 1.76 7.99 -1.54
CA LYS A 469 3.22 7.87 -1.47
C LYS A 469 3.65 6.76 -0.52
N THR A 470 2.88 6.56 0.55
CA THR A 470 3.20 5.46 1.47
C THR A 470 2.97 4.10 0.82
N ALA A 471 1.90 3.97 0.03
CA ALA A 471 1.65 2.71 -0.65
C ALA A 471 2.72 2.44 -1.70
N ARG A 472 3.13 3.47 -2.45
CA ARG A 472 4.15 3.30 -3.47
C ARG A 472 5.46 2.84 -2.85
N MET A 473 5.79 3.33 -1.65
CA MET A 473 7.01 2.91 -0.98
C MET A 473 6.91 1.46 -0.50
N LEU A 474 5.79 1.11 0.12
CA LEU A 474 5.60 -0.26 0.58
C LEU A 474 5.60 -1.24 -0.58
N MET A 475 5.03 -0.83 -1.72
CA MET A 475 4.96 -1.73 -2.87
C MET A 475 6.34 -1.99 -3.46
N VAL A 476 7.22 -1.00 -3.41
CA VAL A 476 8.59 -1.21 -3.89
C VAL A 476 9.32 -2.19 -2.97
N VAL A 477 9.13 -2.04 -1.65
CA VAL A 477 9.74 -2.97 -0.69
C VAL A 477 9.31 -4.40 -1.00
N VAL A 478 8.02 -4.59 -1.29
CA VAL A 478 7.51 -5.92 -1.60
C VAL A 478 8.14 -6.44 -2.89
N LEU A 479 8.16 -5.60 -3.93
CA LEU A 479 8.76 -6.00 -5.21
C LEU A 479 10.21 -6.41 -5.02
N VAL A 480 10.96 -5.61 -4.26
CA VAL A 480 12.36 -5.94 -3.98
C VAL A 480 12.48 -7.22 -3.16
N PHE A 481 11.54 -7.44 -2.23
CA PHE A 481 11.50 -8.70 -1.50
C PHE A 481 11.26 -9.87 -2.44
N ALA A 482 10.39 -9.68 -3.44
CA ALA A 482 10.09 -10.77 -4.37
C ALA A 482 11.30 -11.12 -5.21
N ILE A 483 12.02 -10.11 -5.71
CA ILE A 483 13.16 -10.35 -6.59
C ILE A 483 14.35 -10.90 -5.80
N CYS A 484 14.48 -10.54 -4.53
CA CYS A 484 15.65 -10.96 -3.76
C CYS A 484 15.53 -12.39 -3.26
N TYR A 485 14.31 -12.83 -2.96
CA TYR A 485 14.13 -14.21 -2.45
C TYR A 485 13.71 -15.14 -3.58
N ALA A 486 13.47 -14.65 -4.79
CA ALA A 486 13.09 -15.52 -5.91
C ALA A 486 14.16 -16.54 -6.27
N PRO A 487 15.44 -16.17 -6.45
CA PRO A 487 16.41 -17.20 -6.85
C PRO A 487 16.66 -18.25 -5.79
N ILE A 488 16.75 -17.85 -4.53
CA ILE A 488 17.07 -18.85 -3.47
C ILE A 488 15.85 -19.68 -3.10
N SER A 489 14.63 -19.14 -3.27
CA SER A 489 13.45 -19.96 -2.98
C SER A 489 13.21 -20.99 -4.08
N ILE A 490 13.40 -20.58 -5.34
CA ILE A 490 13.24 -21.53 -6.45
C ILE A 490 14.33 -22.59 -6.41
N LEU A 491 15.58 -22.17 -6.15
CA LEU A 491 16.69 -23.10 -6.14
C LEU A 491 16.55 -24.16 -5.04
N ASN A 492 15.92 -23.79 -3.92
CA ASN A 492 15.76 -24.74 -2.79
C ASN A 492 14.55 -25.66 -3.03
N VAL A 493 13.64 -25.23 -3.88
CA VAL A 493 12.54 -26.12 -4.26
C VAL A 493 13.01 -27.15 -5.27
N LEU A 494 13.76 -26.71 -6.28
CA LEU A 494 14.30 -27.63 -7.27
C LEU A 494 15.27 -28.63 -6.63
N LYS A 495 15.99 -28.20 -5.59
CA LYS A 495 16.98 -29.07 -4.96
C LYS A 495 16.34 -30.04 -3.98
N ARG A 496 15.49 -29.53 -3.08
CA ARG A 496 14.99 -30.35 -1.99
C ARG A 496 13.70 -31.07 -2.33
N VAL A 497 12.92 -30.57 -3.28
CA VAL A 497 11.63 -31.18 -3.55
C VAL A 497 11.73 -31.98 -4.84
N PHE A 498 12.13 -31.32 -5.91
CA PHE A 498 12.27 -31.99 -7.20
C PHE A 498 13.56 -32.77 -7.33
N GLY A 499 14.54 -32.57 -6.45
CA GLY A 499 15.73 -33.39 -6.46
C GLY A 499 16.73 -33.06 -7.54
N MET A 500 16.73 -31.82 -8.01
CA MET A 500 17.62 -31.43 -9.08
C MET A 500 19.04 -31.24 -8.56
N PHE A 501 19.97 -31.06 -9.50
CA PHE A 501 21.39 -30.85 -9.26
C PHE A 501 22.08 -32.05 -8.61
N ALA A 502 21.36 -33.17 -8.46
CA ALA A 502 21.95 -34.34 -7.84
C ALA A 502 23.09 -34.89 -8.69
N HIS A 503 22.81 -35.24 -9.94
CA HIS A 503 23.83 -35.67 -10.89
C HIS A 503 24.35 -34.43 -11.60
N THR A 504 25.59 -34.06 -11.32
CA THR A 504 26.14 -32.79 -11.76
C THR A 504 26.87 -32.93 -13.09
N GLU A 505 26.59 -32.01 -14.01
CA GLU A 505 27.41 -31.80 -15.19
C GLU A 505 28.58 -30.86 -14.88
N ASP A 506 28.29 -29.78 -14.15
CA ASP A 506 29.34 -28.90 -13.61
C ASP A 506 28.82 -28.32 -12.32
N ARG A 507 29.54 -28.56 -11.22
CA ARG A 507 29.07 -28.07 -9.92
C ARG A 507 29.44 -26.61 -9.68
N GLU A 508 30.37 -26.07 -10.47
CA GLU A 508 30.78 -24.69 -10.28
C GLU A 508 29.61 -23.73 -10.49
N THR A 509 28.88 -23.90 -11.59
CA THR A 509 27.73 -23.03 -11.86
C THR A 509 26.66 -23.19 -10.80
N VAL A 510 26.45 -24.41 -10.30
CA VAL A 510 25.43 -24.63 -9.29
C VAL A 510 25.84 -24.02 -7.96
N TYR A 511 27.10 -24.18 -7.58
CA TYR A 511 27.55 -23.57 -6.32
C TYR A 511 27.73 -22.07 -6.45
N ALA A 512 27.94 -21.57 -7.68
CA ALA A 512 28.00 -20.13 -7.89
C ALA A 512 26.63 -19.50 -7.75
N TRP A 513 25.63 -20.07 -8.44
CA TRP A 513 24.25 -19.57 -8.31
C TRP A 513 23.76 -19.65 -6.88
N PHE A 514 24.14 -20.72 -6.18
CA PHE A 514 23.72 -20.83 -4.77
C PHE A 514 24.39 -19.74 -3.96
N ALA A 515 25.70 -19.55 -4.10
CA ALA A 515 26.39 -18.49 -3.32
C ALA A 515 25.85 -17.11 -3.69
N PHE A 516 25.58 -16.86 -4.98
CA PHE A 516 25.07 -15.54 -5.40
C PHE A 516 23.70 -15.26 -4.82
N SER A 517 22.81 -16.23 -4.87
CA SER A 517 21.43 -16.07 -4.36
C SER A 517 21.42 -15.84 -2.85
N HIS A 518 22.41 -16.40 -2.15
CA HIS A 518 22.52 -16.32 -0.67
C HIS A 518 22.94 -14.92 -0.27
N TRP A 519 23.78 -14.31 -1.07
CA TRP A 519 24.23 -12.91 -0.83
C TRP A 519 23.07 -11.95 -1.00
N LEU A 520 22.20 -12.22 -1.97
CA LEU A 520 21.02 -11.42 -2.36
C LEU A 520 20.03 -11.32 -1.21
N VAL A 521 19.92 -12.36 -0.39
CA VAL A 521 19.02 -12.36 0.80
C VAL A 521 19.48 -11.29 1.79
N TYR A 522 20.79 -11.16 2.02
CA TYR A 522 21.31 -10.13 2.96
C TYR A 522 21.33 -8.78 2.24
N ALA A 523 21.42 -8.78 0.92
CA ALA A 523 21.31 -7.53 0.18
C ALA A 523 19.93 -6.92 0.33
N ASN A 524 18.90 -7.75 0.52
CA ASN A 524 17.55 -7.22 0.76
C ASN A 524 17.52 -6.39 2.03
N SER A 525 18.24 -6.82 3.07
CA SER A 525 18.33 -6.03 4.29
C SER A 525 19.09 -4.73 4.07
N ALA A 526 20.06 -4.74 3.14
CA ALA A 526 20.74 -3.50 2.78
C ALA A 526 19.85 -2.57 1.97
N ALA A 527 18.93 -3.13 1.17
CA ALA A 527 18.16 -2.32 0.23
C ALA A 527 17.03 -1.56 0.90
N ASN A 528 16.35 -2.18 1.89
CA ASN A 528 15.15 -1.55 2.42
C ASN A 528 15.39 -0.18 3.03
N PRO A 529 16.43 0.06 3.84
CA PRO A 529 16.68 1.44 4.31
C PRO A 529 16.99 2.40 3.18
N ILE A 530 17.49 1.92 2.04
CA ILE A 530 17.71 2.79 0.90
C ILE A 530 16.39 3.15 0.23
N ILE A 531 15.43 2.22 0.23
CA ILE A 531 14.10 2.51 -0.28
C ILE A 531 13.41 3.54 0.60
N TYR A 532 13.57 3.43 1.93
CA TYR A 532 12.98 4.39 2.83
C TYR A 532 13.59 5.78 2.65
N ASN A 533 14.86 5.84 2.29
CA ASN A 533 15.51 7.14 2.07
C ASN A 533 15.08 7.76 0.75
N PHE A 534 14.90 6.94 -0.29
CA PHE A 534 14.55 7.47 -1.60
C PHE A 534 13.06 7.77 -1.71
N LEU A 535 12.21 7.04 -1.00
CA LEU A 535 10.77 7.12 -1.21
C LEU A 535 9.98 7.66 -0.03
N SER A 536 10.62 8.02 1.08
CA SER A 536 9.86 8.59 2.22
C SER A 536 10.60 9.79 2.77
N GLY A 537 9.99 10.98 2.69
CA GLY A 537 10.60 12.21 3.18
C GLY A 537 10.80 12.21 4.69
N LYS A 538 9.89 11.58 5.43
CA LYS A 538 10.03 11.50 6.88
C LYS A 538 11.27 10.71 7.28
N PHE A 539 11.55 9.61 6.55
CA PHE A 539 12.75 8.84 6.82
C PHE A 539 14.00 9.57 6.34
N ARG A 540 13.91 10.26 5.19
CA ARG A 540 15.08 10.89 4.61
C ARG A 540 15.62 11.99 5.52
N GLU A 541 14.73 12.85 6.05
CA GLU A 541 15.18 13.91 6.94
C GLU A 541 15.68 13.36 8.27
N GLU A 542 15.01 12.32 8.79
CA GLU A 542 15.47 11.72 10.03
C GLU A 542 16.76 10.95 9.84
N PHE A 543 17.00 10.44 8.63
CA PHE A 543 18.31 9.87 8.32
C PHE A 543 19.39 10.94 8.31
N LYS A 544 19.06 12.13 7.78
CA LYS A 544 20.05 13.21 7.75
C LYS A 544 20.30 13.75 9.16
N ALA A 545 19.28 13.76 10.01
CA ALA A 545 19.46 14.31 11.36
C ALA A 545 20.26 13.36 12.24
N ALA A 546 20.14 12.06 12.01
CA ALA A 546 20.94 11.10 12.77
C ALA A 546 22.37 11.05 12.27
N PHE A 547 22.59 11.24 10.96
CA PHE A 547 23.95 11.31 10.44
C PHE A 547 24.66 12.58 10.89
N SER A 548 23.96 13.71 10.91
CA SER A 548 24.57 14.96 11.33
C SER A 548 24.93 14.94 12.81
N TRP A 549 24.12 14.29 13.63
CA TRP A 549 24.48 14.15 15.05
C TRP A 549 25.66 13.20 15.22
N TRP A 550 25.70 12.13 14.43
CA TRP A 550 26.68 11.08 14.65
C TRP A 550 28.08 11.55 14.28
N TRP A 551 28.19 12.37 13.23
CA TRP A 551 29.49 12.83 12.74
C TRP A 551 29.84 14.23 13.24
N LEU A 552 28.90 15.17 13.16
CA LEU A 552 29.15 16.55 13.54
C LEU A 552 28.54 16.93 14.88
N GLY A 553 27.40 16.34 15.26
CA GLY A 553 26.71 16.77 16.45
C GLY A 553 26.02 18.09 16.25
N VAL A 554 25.60 18.37 15.02
CA VAL A 554 25.18 19.71 14.63
C VAL A 554 23.67 19.98 14.80
N HIS A 555 22.86 18.94 14.68
CA HIS A 555 21.43 19.08 14.96
C HIS A 555 21.05 18.90 16.43
N HIS A 556 21.75 18.00 17.11
CA HIS A 556 21.43 17.65 18.50
C HIS A 556 22.68 17.40 19.33
#